data_3T44
#
_entry.id   3T44
#
_cell.length_a   46.553
_cell.length_b   53.222
_cell.length_c   86.855
_cell.angle_alpha   90.000
_cell.angle_beta   90.000
_cell.angle_gamma   90.000
#
_symmetry.space_group_name_H-M   'P 21 21 21'
#
loop_
_entity.id
_entity.type
_entity.pdbx_description
1 polymer 'Indole-3-glycerol phosphate synthase'
2 non-polymer 'INDOLE-3-GLYCEROL PHOSPHATE'
3 non-polymer '2-AMINOBENZOIC ACID'
4 water water
#
_entity_poly.entity_id   1
_entity_poly.type   'polypeptide(L)'
_entity_poly.pdbx_seq_one_letter_code
;MSPATVLDSILEGVRADVAAREASVSLSEIKAAAAAAPPPLDVMAALREPGIGVIAEVKRASPSAGALATIADPAKLAQA
YQDGGARIVSVVTEQRRFQGSLDDLDAVRASVSIPVLRKDFVVQPYQIHEARAHGADMLLLIVAALEQSVLVSMLDRTES
LGMTALVEVHTEQEADRALKAGAKVIGVNARDLMTLDVDRDCFARIAPGLPSSVIRIAESGVRGTADLLAYAGAGADAVL
VGEGLVTSGDPRAAVADLVTAGTHPSCPKPAR
;
_entity_poly.pdbx_strand_id   A
#
loop_
_chem_comp.id
_chem_comp.type
_chem_comp.name
_chem_comp.formula
IGP non-polymer 'INDOLE-3-GLYCEROL PHOSPHATE' 'C11 H14 N O6 P'
#
# COMPACT_ATOMS: atom_id res chain seq x y z
N THR A 5 -17.85 9.23 -2.55
CA THR A 5 -17.77 9.07 -4.03
C THR A 5 -16.52 9.68 -4.65
N VAL A 6 -15.62 10.21 -3.82
CA VAL A 6 -14.27 10.51 -4.27
C VAL A 6 -13.71 9.21 -4.84
N LEU A 7 -13.96 8.11 -4.14
CA LEU A 7 -13.45 6.81 -4.56
C LEU A 7 -13.99 6.44 -5.94
N ASP A 8 -15.30 6.62 -6.14
CA ASP A 8 -15.94 6.34 -7.44
C ASP A 8 -15.32 7.12 -8.59
N SER A 9 -15.05 8.41 -8.38
CA SER A 9 -14.45 9.23 -9.42
C SER A 9 -13.02 8.76 -9.69
N ILE A 10 -12.31 8.36 -8.64
CA ILE A 10 -10.95 7.82 -8.84
C ILE A 10 -11.01 6.56 -9.69
N LEU A 11 -11.93 5.66 -9.36
CA LEU A 11 -12.02 4.39 -10.11
C LEU A 11 -12.38 4.60 -11.57
N GLU A 12 -13.20 5.61 -11.86
CA GLU A 12 -13.56 5.91 -13.24
C GLU A 12 -12.31 6.30 -14.02
N GLY A 13 -11.49 7.18 -13.43
CA GLY A 13 -10.25 7.61 -14.07
C GLY A 13 -9.29 6.44 -14.24
N VAL A 14 -9.20 5.60 -13.21
CA VAL A 14 -8.30 4.43 -13.25
C VAL A 14 -8.69 3.47 -14.37
N ARG A 15 -9.98 3.17 -14.52
CA ARG A 15 -10.42 2.22 -15.55
CA ARG A 15 -10.43 2.23 -15.55
C ARG A 15 -10.05 2.70 -16.95
N ALA A 16 -10.21 4.00 -17.20
CA ALA A 16 -9.85 4.59 -18.46
C ALA A 16 -8.32 4.55 -18.65
N ASP A 17 -7.58 4.94 -17.62
CA ASP A 17 -6.11 4.92 -17.70
C ASP A 17 -5.55 3.51 -17.94
N VAL A 18 -6.08 2.52 -17.24
CA VAL A 18 -5.66 1.12 -17.44
C VAL A 18 -5.96 0.68 -18.87
N ALA A 19 -7.16 0.99 -19.35
CA ALA A 19 -7.51 0.59 -20.73
C ALA A 19 -6.55 1.21 -21.74
N ALA A 20 -6.18 2.47 -21.56
CA ALA A 20 -5.27 3.15 -22.47
C ALA A 20 -3.89 2.52 -22.42
N ARG A 21 -3.43 2.15 -21.22
CA ARG A 21 -2.13 1.46 -21.11
C ARG A 21 -2.18 0.10 -21.79
N GLU A 22 -3.27 -0.62 -21.58
CA GLU A 22 -3.42 -1.95 -22.15
C GLU A 22 -3.44 -1.90 -23.68
N ALA A 23 -3.98 -0.83 -24.24
CA ALA A 23 -3.99 -0.71 -25.70
C ALA A 23 -2.57 -0.60 -26.27
N SER A 24 -1.62 -0.09 -25.49
CA SER A 24 -0.22 0.00 -25.90
C SER A 24 0.69 -1.16 -25.47
N VAL A 25 0.35 -1.77 -24.33
CA VAL A 25 1.09 -2.89 -23.76
C VAL A 25 0.02 -3.95 -23.44
N SER A 26 -0.07 -4.96 -24.27
CA SER A 26 -1.18 -5.88 -24.22
C SER A 26 -1.16 -6.72 -22.94
N LEU A 27 -2.30 -7.33 -22.62
CA LEU A 27 -2.36 -8.24 -21.49
C LEU A 27 -1.36 -9.40 -21.67
N SER A 28 -1.22 -9.93 -22.89
CA SER A 28 -0.24 -11.01 -23.12
C SER A 28 1.17 -10.53 -22.82
N GLU A 29 1.49 -9.31 -23.26
CA GLU A 29 2.82 -8.75 -23.04
C GLU A 29 3.10 -8.55 -21.54
N ILE A 30 2.12 -8.01 -20.84
CA ILE A 30 2.31 -7.72 -19.42
C ILE A 30 2.36 -9.02 -18.61
N LYS A 31 1.57 -10.02 -19.01
CA LYS A 31 1.65 -11.33 -18.37
C LYS A 31 3.04 -11.95 -18.58
N ALA A 32 3.58 -11.81 -19.80
CA ALA A 32 4.92 -12.34 -20.09
C ALA A 32 5.99 -11.62 -19.26
N ALA A 33 5.84 -10.30 -19.13
CA ALA A 33 6.78 -9.47 -18.37
C ALA A 33 6.74 -9.86 -16.89
N ALA A 34 5.53 -10.09 -16.39
CA ALA A 34 5.37 -10.53 -15.01
C ALA A 34 6.02 -11.88 -14.78
N ALA A 35 5.85 -12.80 -15.72
CA ALA A 35 6.39 -14.16 -15.59
C ALA A 35 7.90 -14.13 -15.62
N ALA A 36 8.46 -13.14 -16.34
CA ALA A 36 9.89 -13.02 -16.54
C ALA A 36 10.59 -12.25 -15.43
N ALA A 37 9.82 -11.51 -14.62
CA ALA A 37 10.37 -10.70 -13.54
C ALA A 37 10.95 -11.59 -12.44
N PRO A 38 12.01 -11.11 -11.78
CA PRO A 38 12.50 -11.94 -10.70
C PRO A 38 11.45 -12.05 -9.61
N PRO A 39 11.41 -13.18 -8.90
CA PRO A 39 10.32 -13.48 -7.99
C PRO A 39 10.15 -12.41 -6.92
N PRO A 40 8.92 -12.25 -6.43
CA PRO A 40 8.72 -11.28 -5.37
C PRO A 40 9.40 -11.66 -4.07
N LEU A 41 9.78 -10.65 -3.29
CA LEU A 41 10.35 -10.85 -1.97
CA LEU A 41 10.34 -10.85 -1.96
C LEU A 41 9.26 -11.36 -1.03
N ASP A 42 9.69 -12.09 -0.01
CA ASP A 42 8.80 -12.66 0.99
C ASP A 42 8.33 -11.54 1.92
N VAL A 43 7.21 -10.93 1.58
CA VAL A 43 6.68 -9.79 2.34
C VAL A 43 6.23 -10.23 3.74
N MET A 44 5.67 -11.43 3.85
CA MET A 44 5.20 -11.89 5.16
C MET A 44 6.37 -12.01 6.13
N ALA A 45 7.50 -12.51 5.64
CA ALA A 45 8.69 -12.62 6.46
C ALA A 45 9.16 -11.24 6.89
N ALA A 46 9.10 -10.27 5.97
CA ALA A 46 9.47 -8.92 6.31
C ALA A 46 8.55 -8.38 7.40
N LEU A 47 7.25 -8.65 7.30
CA LEU A 47 6.29 -8.11 8.26
C LEU A 47 6.37 -8.77 9.64
N ARG A 48 7.00 -9.94 9.70
CA ARG A 48 7.14 -10.66 10.95
C ARG A 48 8.46 -10.34 11.65
N GLU A 49 9.33 -9.54 11.04
CA GLU A 49 10.58 -9.12 11.72
C GLU A 49 10.22 -8.38 13.00
N PRO A 50 11.09 -8.45 14.01
CA PRO A 50 10.82 -7.79 15.29
C PRO A 50 10.61 -6.29 15.16
N GLY A 51 9.76 -5.74 16.03
CA GLY A 51 9.53 -4.31 16.03
C GLY A 51 8.36 -3.96 15.15
N ILE A 52 7.79 -2.78 15.40
CA ILE A 52 6.66 -2.26 14.63
C ILE A 52 7.25 -1.81 13.30
N GLY A 53 6.89 -2.49 12.23
CA GLY A 53 7.38 -2.12 10.92
C GLY A 53 6.84 -0.78 10.47
N VAL A 54 7.70 0.02 9.83
CA VAL A 54 7.29 1.27 9.24
C VAL A 54 7.28 1.09 7.71
N ILE A 55 6.10 1.30 7.13
CA ILE A 55 5.94 1.21 5.69
C ILE A 55 5.90 2.67 5.24
N ALA A 56 6.94 3.10 4.54
CA ALA A 56 7.13 4.50 4.16
C ALA A 56 6.67 4.70 2.74
N GLU A 57 5.85 5.72 2.51
CA GLU A 57 5.17 5.86 1.23
C GLU A 57 5.67 7.04 0.39
N VAL A 58 5.79 6.79 -0.91
CA VAL A 58 6.08 7.78 -1.94
C VAL A 58 4.74 8.22 -2.53
N LYS A 59 4.40 9.49 -2.30
CA LYS A 59 3.11 10.06 -2.67
C LYS A 59 3.31 11.55 -2.89
N ARG A 60 3.06 12.02 -4.11
CA ARG A 60 3.25 13.44 -4.45
C ARG A 60 2.08 14.34 -4.11
N ALA A 61 0.89 13.76 -4.09
CA ALA A 61 -0.33 14.54 -3.92
C ALA A 61 -1.48 13.63 -3.51
N SER A 62 -2.57 14.22 -3.08
CA SER A 62 -3.75 13.41 -2.78
C SER A 62 -5.00 14.26 -2.85
N PRO A 63 -6.15 13.60 -2.95
CA PRO A 63 -7.40 14.39 -2.92
C PRO A 63 -7.54 15.27 -1.67
N SER A 64 -7.20 14.72 -0.51
CA SER A 64 -7.43 15.42 0.75
C SER A 64 -6.38 16.50 0.99
N ALA A 65 -5.15 16.29 0.51
CA ALA A 65 -4.03 17.21 0.78
C ALA A 65 -3.66 18.14 -0.36
N GLY A 66 -4.10 17.83 -1.58
CA GLY A 66 -3.59 18.48 -2.77
C GLY A 66 -2.13 18.12 -2.98
N ALA A 67 -1.33 19.06 -3.49
CA ALA A 67 0.09 18.81 -3.73
C ALA A 67 0.84 18.72 -2.41
N LEU A 68 1.64 17.67 -2.26
CA LEU A 68 2.43 17.44 -1.06
C LEU A 68 3.93 17.65 -1.30
N ALA A 69 4.45 17.07 -2.38
CA ALA A 69 5.88 17.11 -2.65
C ALA A 69 6.12 16.85 -4.13
N THR A 70 7.16 17.48 -4.68
CA THR A 70 7.49 17.29 -6.09
C THR A 70 8.07 15.91 -6.37
N ILE A 71 8.85 15.40 -5.41
CA ILE A 71 9.54 14.09 -5.55
C ILE A 71 10.08 13.90 -6.96
N ALA A 72 11.02 14.76 -7.34
CA ALA A 72 11.71 14.61 -8.62
C ALA A 72 12.52 13.32 -8.68
N ASP A 73 12.91 12.78 -7.52
CA ASP A 73 13.79 11.63 -7.47
C ASP A 73 13.21 10.64 -6.46
N PRO A 74 12.20 9.87 -6.88
CA PRO A 74 11.61 8.90 -5.95
C PRO A 74 12.56 7.80 -5.50
N ALA A 75 13.52 7.41 -6.34
CA ALA A 75 14.56 6.45 -5.91
C ALA A 75 15.34 6.96 -4.70
N LYS A 76 15.74 8.22 -4.75
CA LYS A 76 16.49 8.84 -3.65
C LYS A 76 15.65 8.96 -2.38
N LEU A 77 14.36 9.30 -2.51
CA LEU A 77 13.45 9.26 -1.36
C LEU A 77 13.39 7.85 -0.78
N ALA A 78 13.20 6.84 -1.62
CA ALA A 78 13.08 5.44 -1.13
C ALA A 78 14.38 4.98 -0.47
N GLN A 79 15.50 5.44 -0.98
CA GLN A 79 16.80 5.11 -0.39
C GLN A 79 16.89 5.69 1.02
N ALA A 80 16.40 6.91 1.18
CA ALA A 80 16.32 7.53 2.51
C ALA A 80 15.44 6.71 3.44
N TYR A 81 14.30 6.27 2.91
CA TYR A 81 13.40 5.43 3.68
C TYR A 81 14.08 4.16 4.14
N GLN A 82 14.78 3.50 3.24
CA GLN A 82 15.45 2.25 3.64
C GLN A 82 16.57 2.55 4.64
N ASP A 83 17.30 3.64 4.41
CA ASP A 83 18.38 4.05 5.33
C ASP A 83 17.86 4.32 6.74
N GLY A 84 16.66 4.87 6.83
CA GLY A 84 16.01 5.18 8.09
C GLY A 84 15.44 3.98 8.82
N GLY A 85 15.40 2.83 8.12
CA GLY A 85 14.98 1.58 8.70
C GLY A 85 13.58 1.13 8.30
N ALA A 86 13.01 1.73 7.26
CA ALA A 86 11.68 1.31 6.77
C ALA A 86 11.70 -0.17 6.40
N ARG A 87 10.58 -0.82 6.66
CA ARG A 87 10.41 -2.26 6.41
C ARG A 87 9.99 -2.52 4.95
N ILE A 88 9.17 -1.63 4.43
CA ILE A 88 8.61 -1.75 3.09
C ILE A 88 8.48 -0.32 2.58
N VAL A 89 8.66 -0.13 1.27
CA VAL A 89 8.36 1.14 0.63
C VAL A 89 7.08 0.98 -0.17
N SER A 90 6.14 1.90 0.07
CA SER A 90 4.89 1.97 -0.65
C SER A 90 5.01 3.04 -1.72
N VAL A 91 4.56 2.73 -2.94
CA VAL A 91 4.63 3.66 -4.04
C VAL A 91 3.26 3.84 -4.64
N VAL A 92 2.74 5.07 -4.54
CA VAL A 92 1.46 5.38 -5.15
C VAL A 92 1.65 5.60 -6.65
N THR A 93 0.91 4.85 -7.45
CA THR A 93 1.12 4.90 -8.88
C THR A 93 -0.05 5.51 -9.66
N GLU A 94 -1.08 5.95 -8.94
CA GLU A 94 -2.25 6.53 -9.57
C GLU A 94 -1.91 7.94 -10.02
N GLN A 95 -2.22 8.26 -11.27
CA GLN A 95 -1.75 9.51 -11.88
C GLN A 95 -2.64 10.74 -11.67
N ARG A 96 -3.96 10.57 -11.76
CA ARG A 96 -4.84 11.74 -11.86
C ARG A 96 -5.03 12.48 -10.56
N ARG A 97 -5.09 11.75 -9.46
CA ARG A 97 -5.34 12.36 -8.17
C ARG A 97 -4.13 12.35 -7.23
N PHE A 98 -3.17 11.44 -7.48
CA PHE A 98 -1.96 11.33 -6.63
C PHE A 98 -0.68 11.70 -7.36
N GLN A 99 -0.76 12.01 -8.65
CA GLN A 99 0.39 12.38 -9.45
C GLN A 99 1.51 11.34 -9.36
N GLY A 100 1.15 10.06 -9.26
CA GLY A 100 2.13 8.98 -9.25
C GLY A 100 2.21 8.32 -10.61
N SER A 101 3.15 7.40 -10.80
CA SER A 101 3.21 6.63 -12.02
C SER A 101 3.97 5.35 -11.84
N LEU A 102 3.78 4.44 -12.77
CA LEU A 102 4.59 3.22 -12.80
C LEU A 102 6.10 3.51 -12.84
N ASP A 103 6.50 4.61 -13.49
CA ASP A 103 7.90 5.00 -13.50
C ASP A 103 8.47 5.13 -12.10
N ASP A 104 7.64 5.57 -11.16
CA ASP A 104 8.08 5.69 -9.78
C ASP A 104 8.35 4.32 -9.18
N LEU A 105 7.50 3.36 -9.51
CA LEU A 105 7.66 1.99 -9.03
C LEU A 105 8.97 1.37 -9.53
N ASP A 106 9.28 1.57 -10.81
CA ASP A 106 10.54 1.09 -11.38
C ASP A 106 11.73 1.71 -10.68
N ALA A 107 11.65 3.03 -10.48
CA ALA A 107 12.76 3.79 -9.88
C ALA A 107 13.04 3.29 -8.47
N VAL A 108 11.97 3.10 -7.71
CA VAL A 108 12.09 2.63 -6.34
C VAL A 108 12.59 1.18 -6.30
N ARG A 109 12.03 0.32 -7.14
CA ARG A 109 12.46 -1.08 -7.17
C ARG A 109 13.97 -1.20 -7.42
N ALA A 110 14.48 -0.39 -8.34
CA ALA A 110 15.90 -0.43 -8.71
C ALA A 110 16.81 0.14 -7.61
N SER A 111 16.25 0.86 -6.65
CA SER A 111 17.06 1.60 -5.67
CA SER A 111 17.12 1.53 -5.69
C SER A 111 17.09 1.00 -4.27
N VAL A 112 16.13 0.13 -3.95
CA VAL A 112 16.05 -0.43 -2.60
C VAL A 112 16.00 -1.96 -2.62
N SER A 113 16.39 -2.54 -1.50
CA SER A 113 16.40 -3.99 -1.31
C SER A 113 15.18 -4.48 -0.55
N ILE A 114 14.53 -3.56 0.18
CA ILE A 114 13.32 -3.89 0.91
C ILE A 114 12.13 -4.12 -0.03
N PRO A 115 11.09 -4.82 0.45
CA PRO A 115 9.93 -5.03 -0.42
C PRO A 115 9.25 -3.76 -0.81
N VAL A 116 8.55 -3.82 -1.94
CA VAL A 116 7.87 -2.66 -2.51
C VAL A 116 6.39 -3.00 -2.66
N LEU A 117 5.55 -2.09 -2.16
CA LEU A 117 4.09 -2.20 -2.22
C LEU A 117 3.63 -1.23 -3.29
N ARG A 118 2.89 -1.73 -4.27
CA ARG A 118 2.21 -0.84 -5.20
C ARG A 118 0.88 -0.40 -4.62
N LYS A 119 0.73 0.91 -4.52
CA LYS A 119 -0.46 1.53 -3.98
C LYS A 119 -1.23 2.12 -5.14
N ASP A 120 -2.30 1.46 -5.52
CA ASP A 120 -3.11 1.98 -6.59
C ASP A 120 -4.49 1.41 -6.38
N PHE A 121 -5.37 1.59 -7.36
CA PHE A 121 -6.76 1.18 -7.26
C PHE A 121 -6.98 0.03 -8.20
N VAL A 122 -6.75 -1.18 -7.68
CA VAL A 122 -6.74 -2.39 -8.49
C VAL A 122 -8.18 -2.82 -8.69
N VAL A 123 -8.61 -2.82 -9.94
CA VAL A 123 -9.97 -3.24 -10.31
C VAL A 123 -10.00 -4.33 -11.36
N GLN A 124 -8.87 -4.60 -12.01
CA GLN A 124 -8.84 -5.67 -12.99
C GLN A 124 -7.48 -6.37 -13.05
N PRO A 125 -7.46 -7.62 -13.54
CA PRO A 125 -6.25 -8.43 -13.57
C PRO A 125 -5.03 -7.79 -14.23
N TYR A 126 -5.25 -7.00 -15.28
CA TYR A 126 -4.17 -6.31 -15.94
C TYR A 126 -3.24 -5.64 -14.94
N GLN A 127 -3.83 -4.95 -13.96
CA GLN A 127 -3.03 -4.19 -13.01
C GLN A 127 -2.18 -5.06 -12.11
N ILE A 128 -2.60 -6.31 -11.92
CA ILE A 128 -1.94 -7.23 -11.02
C ILE A 128 -0.66 -7.75 -11.67
N HIS A 129 -0.79 -8.28 -12.89
CA HIS A 129 0.39 -8.62 -13.68
C HIS A 129 1.32 -7.42 -13.91
N GLU A 130 0.74 -6.25 -14.14
CA GLU A 130 1.51 -5.03 -14.33
C GLU A 130 2.36 -4.75 -13.09
N ALA A 131 1.75 -4.84 -11.92
CA ALA A 131 2.47 -4.58 -10.68
C ALA A 131 3.65 -5.55 -10.56
N ARG A 132 3.39 -6.81 -10.87
CA ARG A 132 4.45 -7.83 -10.77
C ARG A 132 5.59 -7.59 -11.77
N ALA A 133 5.24 -7.26 -13.00
CA ALA A 133 6.23 -6.99 -14.05
C ALA A 133 7.13 -5.82 -13.66
N HIS A 134 6.58 -4.84 -12.91
CA HIS A 134 7.33 -3.67 -12.48
C HIS A 134 7.98 -3.82 -11.11
N GLY A 135 7.91 -4.99 -10.53
CA GLY A 135 8.73 -5.32 -9.36
C GLY A 135 8.04 -5.24 -8.01
N ALA A 136 6.74 -5.07 -8.00
CA ALA A 136 5.99 -5.05 -6.76
C ALA A 136 6.04 -6.42 -6.08
N ASP A 137 6.28 -6.40 -4.78
CA ASP A 137 6.19 -7.55 -3.92
C ASP A 137 4.83 -7.66 -3.22
N MET A 138 4.21 -6.49 -2.99
CA MET A 138 2.95 -6.38 -2.28
C MET A 138 2.03 -5.53 -3.13
N LEU A 139 0.74 -5.82 -3.07
CA LEU A 139 -0.23 -5.08 -3.87
C LEU A 139 -1.45 -4.75 -3.03
N LEU A 140 -1.89 -3.49 -3.10
CA LEU A 140 -3.07 -3.04 -2.37
C LEU A 140 -4.34 -3.52 -3.05
N LEU A 141 -5.27 -4.03 -2.25
CA LEU A 141 -6.65 -4.32 -2.70
C LEU A 141 -7.56 -3.61 -1.72
N ILE A 142 -8.53 -2.84 -2.24
CA ILE A 142 -9.37 -1.99 -1.39
C ILE A 142 -10.77 -2.54 -1.31
N VAL A 143 -11.18 -3.01 -0.14
CA VAL A 143 -12.47 -3.66 0.01
C VAL A 143 -13.62 -2.71 -0.38
N ALA A 144 -13.52 -1.42 -0.04
CA ALA A 144 -14.54 -0.42 -0.43
C ALA A 144 -14.72 -0.28 -1.94
N ALA A 145 -13.71 -0.70 -2.71
CA ALA A 145 -13.69 -0.53 -4.16
C ALA A 145 -14.17 -1.76 -4.89
N LEU A 146 -14.30 -2.87 -4.19
CA LEU A 146 -14.44 -4.15 -4.87
C LEU A 146 -15.61 -4.93 -4.29
N GLU A 147 -16.51 -5.37 -5.16
CA GLU A 147 -17.54 -6.36 -4.81
C GLU A 147 -16.82 -7.64 -4.41
N GLN A 148 -17.41 -8.40 -3.51
CA GLN A 148 -16.74 -9.55 -2.93
C GLN A 148 -16.21 -10.53 -3.96
N SER A 149 -17.02 -10.86 -4.97
CA SER A 149 -16.56 -11.72 -6.07
C SER A 149 -15.26 -11.21 -6.69
N VAL A 150 -15.20 -9.90 -6.92
CA VAL A 150 -14.04 -9.27 -7.58
C VAL A 150 -12.84 -9.27 -6.62
N LEU A 151 -13.08 -8.91 -5.36
CA LEU A 151 -12.03 -8.99 -4.32
C LEU A 151 -11.36 -10.36 -4.26
N VAL A 152 -12.15 -11.42 -4.19
CA VAL A 152 -11.63 -12.78 -4.09
C VAL A 152 -10.79 -13.13 -5.32
N SER A 153 -11.28 -12.76 -6.50
CA SER A 153 -10.55 -12.98 -7.75
C SER A 153 -9.21 -12.25 -7.74
N MET A 154 -9.24 -10.97 -7.39
CA MET A 154 -8.02 -10.14 -7.39
C MET A 154 -7.01 -10.69 -6.37
N LEU A 155 -7.50 -11.06 -5.18
N LEU A 155 -7.50 -11.06 -5.18
CA LEU A 155 -6.63 -11.64 -4.16
CA LEU A 155 -6.64 -11.65 -4.15
C LEU A 155 -6.01 -12.96 -4.64
C LEU A 155 -6.02 -12.96 -4.63
N ASP A 156 -6.82 -13.84 -5.22
CA ASP A 156 -6.30 -15.08 -5.77
C ASP A 156 -5.22 -14.83 -6.82
N ARG A 157 -5.47 -13.92 -7.74
CA ARG A 157 -4.48 -13.66 -8.81
C ARG A 157 -3.19 -13.06 -8.26
N THR A 158 -3.32 -12.14 -7.30
CA THR A 158 -2.16 -11.55 -6.63
C THR A 158 -1.27 -12.63 -6.02
N GLU A 159 -1.89 -13.53 -5.26
CA GLU A 159 -1.13 -14.59 -4.59
C GLU A 159 -0.56 -15.59 -5.58
N SER A 160 -1.28 -15.82 -6.68
CA SER A 160 -0.80 -16.74 -7.73
C SER A 160 0.53 -16.29 -8.34
N LEU A 161 0.77 -14.98 -8.38
CA LEU A 161 2.04 -14.41 -8.84
C LEU A 161 3.07 -14.28 -7.74
N GLY A 162 2.74 -14.74 -6.53
CA GLY A 162 3.68 -14.74 -5.43
C GLY A 162 3.70 -13.47 -4.60
N MET A 163 2.82 -12.52 -4.93
CA MET A 163 2.75 -11.27 -4.18
C MET A 163 1.80 -11.41 -3.00
N THR A 164 2.00 -10.54 -2.03
CA THR A 164 1.16 -10.48 -0.86
C THR A 164 0.16 -9.35 -1.07
N ALA A 165 -1.10 -9.61 -0.78
CA ALA A 165 -2.13 -8.59 -0.86
C ALA A 165 -2.21 -7.85 0.46
N LEU A 166 -2.19 -6.53 0.39
CA LEU A 166 -2.52 -5.67 1.55
C LEU A 166 -3.98 -5.34 1.35
N VAL A 167 -4.85 -5.98 2.11
CA VAL A 167 -6.29 -5.82 1.89
C VAL A 167 -6.79 -4.74 2.83
N GLU A 168 -7.22 -3.62 2.23
CA GLU A 168 -7.52 -2.41 3.00
C GLU A 168 -9.00 -2.31 3.34
N VAL A 169 -9.26 -2.03 4.62
CA VAL A 169 -10.62 -1.92 5.15
C VAL A 169 -10.76 -0.64 5.97
N HIS A 170 -11.98 -0.18 6.14
CA HIS A 170 -12.30 0.98 6.97
C HIS A 170 -13.33 0.66 8.05
N THR A 171 -14.02 -0.45 7.93
CA THR A 171 -15.06 -0.84 8.87
C THR A 171 -14.91 -2.28 9.30
N GLU A 172 -15.58 -2.64 10.40
CA GLU A 172 -15.58 -4.04 10.85
C GLU A 172 -16.18 -4.96 9.80
N GLN A 173 -17.22 -4.47 9.13
N GLN A 173 -17.27 -4.51 9.16
CA GLN A 173 -17.95 -5.25 8.14
CA GLN A 173 -17.94 -5.32 8.14
C GLN A 173 -17.00 -5.52 6.96
C GLN A 173 -17.01 -5.55 6.94
N GLU A 174 -16.24 -4.52 6.56
CA GLU A 174 -15.23 -4.68 5.52
C GLU A 174 -14.12 -5.65 5.93
N ALA A 175 -13.71 -5.60 7.21
CA ALA A 175 -12.75 -6.55 7.75
C ALA A 175 -13.29 -7.97 7.65
N ASP A 176 -14.55 -8.17 8.02
CA ASP A 176 -15.16 -9.50 7.89
C ASP A 176 -15.12 -10.00 6.44
N ARG A 177 -15.41 -9.11 5.50
CA ARG A 177 -15.33 -9.46 4.08
C ARG A 177 -13.92 -9.84 3.66
N ALA A 178 -12.94 -9.09 4.17
CA ALA A 178 -11.52 -9.35 3.87
C ALA A 178 -11.08 -10.72 4.33
N LEU A 179 -11.50 -11.09 5.54
CA LEU A 179 -11.21 -12.41 6.10
C LEU A 179 -11.83 -13.52 5.23
N LYS A 180 -13.09 -13.34 4.84
CA LYS A 180 -13.76 -14.34 4.01
C LYS A 180 -13.09 -14.49 2.65
N ALA A 181 -12.54 -13.40 2.12
CA ALA A 181 -11.81 -13.43 0.84
C ALA A 181 -10.45 -14.12 0.93
N GLY A 182 -9.96 -14.35 2.15
CA GLY A 182 -8.68 -15.04 2.38
C GLY A 182 -7.52 -14.12 2.70
N ALA A 183 -7.82 -12.90 3.14
CA ALA A 183 -6.77 -11.94 3.49
C ALA A 183 -5.83 -12.50 4.55
N LYS A 184 -4.52 -12.36 4.31
CA LYS A 184 -3.49 -12.70 5.30
C LYS A 184 -2.89 -11.46 5.96
N VAL A 185 -3.13 -10.32 5.32
CA VAL A 185 -2.67 -9.01 5.78
C VAL A 185 -3.80 -8.02 5.58
N ILE A 186 -4.21 -7.34 6.65
CA ILE A 186 -5.32 -6.43 6.59
C ILE A 186 -4.82 -5.09 7.05
N GLY A 187 -5.03 -4.08 6.21
CA GLY A 187 -4.70 -2.71 6.52
C GLY A 187 -5.96 -1.99 6.88
N VAL A 188 -5.97 -1.28 7.99
CA VAL A 188 -7.10 -0.43 8.37
C VAL A 188 -6.72 1.01 8.02
N ASN A 189 -7.47 1.60 7.09
CA ASN A 189 -7.22 2.96 6.68
C ASN A 189 -8.03 3.87 7.59
N ALA A 190 -7.34 4.73 8.31
CA ALA A 190 -8.01 5.68 9.18
C ALA A 190 -8.80 6.68 8.35
N ARG A 191 -8.39 6.91 7.10
CA ARG A 191 -9.10 7.82 6.23
C ARG A 191 -10.26 7.11 5.53
N ASP A 192 -11.43 7.72 5.57
CA ASP A 192 -12.59 7.22 4.84
C ASP A 192 -12.42 7.63 3.38
N LEU A 193 -12.22 6.67 2.47
CA LEU A 193 -11.97 7.00 1.06
C LEU A 193 -13.18 7.59 0.33
N MET A 194 -14.36 7.48 0.93
CA MET A 194 -15.54 8.14 0.37
C MET A 194 -15.46 9.63 0.70
N THR A 195 -15.44 9.92 1.99
CA THR A 195 -15.62 11.28 2.49
C THR A 195 -14.33 12.02 2.85
N LEU A 196 -13.23 11.29 2.98
CA LEU A 196 -11.90 11.86 3.28
C LEU A 196 -11.70 12.26 4.76
N ASP A 197 -12.64 11.93 5.63
CA ASP A 197 -12.48 12.17 7.05
C ASP A 197 -11.48 11.18 7.61
N VAL A 198 -10.65 11.62 8.55
CA VAL A 198 -9.69 10.73 9.21
C VAL A 198 -10.14 10.40 10.62
N ASP A 199 -10.34 9.11 10.87
CA ASP A 199 -10.66 8.57 12.18
C ASP A 199 -9.61 7.56 12.65
N ARG A 200 -8.70 7.97 13.54
CA ARG A 200 -7.57 7.09 13.93
C ARG A 200 -7.96 5.95 14.86
N ASP A 201 -9.18 6.03 15.40
CA ASP A 201 -9.73 4.99 16.27
C ASP A 201 -10.21 3.76 15.51
N CYS A 202 -10.37 3.90 14.19
CA CYS A 202 -10.81 2.80 13.32
CA CYS A 202 -10.84 2.81 13.37
C CYS A 202 -10.04 1.54 13.60
N PHE A 203 -8.72 1.68 13.60
CA PHE A 203 -7.85 0.52 13.77
C PHE A 203 -8.17 -0.14 15.11
N ALA A 204 -8.27 0.67 16.16
CA ALA A 204 -8.50 0.15 17.51
C ALA A 204 -9.82 -0.60 17.63
N ARG A 205 -10.85 -0.13 16.94
CA ARG A 205 -12.16 -0.80 16.93
C ARG A 205 -12.14 -2.09 16.13
N ILE A 206 -11.40 -2.11 15.02
CA ILE A 206 -11.41 -3.25 14.12
C ILE A 206 -10.38 -4.32 14.45
N ALA A 207 -9.18 -3.89 14.88
CA ALA A 207 -8.05 -4.81 15.06
C ALA A 207 -8.30 -6.04 15.95
N PRO A 208 -8.89 -5.82 17.15
CA PRO A 208 -9.21 -6.94 18.06
C PRO A 208 -10.06 -8.06 17.44
N GLY A 209 -10.90 -7.72 16.48
CA GLY A 209 -11.74 -8.70 15.80
C GLY A 209 -11.01 -9.72 14.93
N LEU A 210 -9.74 -9.47 14.60
CA LEU A 210 -9.04 -10.27 13.60
C LEU A 210 -8.34 -11.49 14.19
N PRO A 211 -8.36 -12.63 13.48
CA PRO A 211 -7.60 -13.77 13.97
C PRO A 211 -6.15 -13.37 14.20
N SER A 212 -5.53 -13.91 15.24
CA SER A 212 -4.18 -13.50 15.58
C SER A 212 -3.18 -13.76 14.46
N SER A 213 -3.48 -14.71 13.58
CA SER A 213 -2.56 -15.06 12.50
CA SER A 213 -2.59 -15.07 12.47
C SER A 213 -2.53 -13.99 11.40
N VAL A 214 -3.54 -13.12 11.35
CA VAL A 214 -3.61 -12.08 10.32
C VAL A 214 -2.69 -10.93 10.72
N ILE A 215 -1.87 -10.44 9.78
CA ILE A 215 -0.97 -9.32 10.06
C ILE A 215 -1.79 -8.05 9.96
N ARG A 216 -1.67 -7.18 10.97
CA ARG A 216 -2.48 -5.96 11.07
C ARG A 216 -1.64 -4.74 10.78
N ILE A 217 -2.10 -3.93 9.84
CA ILE A 217 -1.39 -2.71 9.45
C ILE A 217 -2.32 -1.54 9.67
N ALA A 218 -1.79 -0.51 10.31
CA ALA A 218 -2.52 0.73 10.49
C ALA A 218 -2.00 1.74 9.46
N GLU A 219 -2.91 2.25 8.65
CA GLU A 219 -2.56 3.21 7.62
C GLU A 219 -3.16 4.56 7.92
N SER A 220 -2.40 5.59 7.56
CA SER A 220 -2.84 6.98 7.49
C SER A 220 -2.86 7.75 8.80
N GLY A 221 -2.65 9.04 8.66
CA GLY A 221 -2.74 9.98 9.76
C GLY A 221 -1.58 10.10 10.73
N VAL A 222 -0.50 9.36 10.53
CA VAL A 222 0.62 9.35 11.47
C VAL A 222 1.48 10.61 11.34
N ARG A 223 1.45 11.45 12.38
CA ARG A 223 2.12 12.75 12.39
C ARG A 223 3.48 12.68 13.09
N GLY A 224 3.75 11.58 13.79
CA GLY A 224 4.93 11.45 14.62
C GLY A 224 4.86 10.22 15.46
N THR A 225 5.79 10.05 16.38
CA THR A 225 5.89 8.81 17.14
C THR A 225 4.63 8.55 17.95
N ALA A 226 4.02 9.58 18.52
CA ALA A 226 2.84 9.34 19.35
C ALA A 226 1.72 8.60 18.60
N ASP A 227 1.47 8.97 17.34
CA ASP A 227 0.43 8.31 16.56
C ASP A 227 0.82 6.87 16.25
N LEU A 228 2.08 6.65 15.93
CA LEU A 228 2.58 5.31 15.62
C LEU A 228 2.41 4.41 16.84
N LEU A 229 2.81 4.92 18.00
CA LEU A 229 2.69 4.18 19.25
C LEU A 229 1.24 3.90 19.60
N ALA A 230 0.34 4.83 19.33
CA ALA A 230 -1.07 4.59 19.63
C ALA A 230 -1.59 3.40 18.80
N TYR A 231 -1.20 3.35 17.52
CA TYR A 231 -1.53 2.21 16.69
C TYR A 231 -0.89 0.91 17.21
N ALA A 232 0.39 0.96 17.59
CA ALA A 232 1.09 -0.20 18.13
C ALA A 232 0.38 -0.72 19.38
N GLY A 233 -0.07 0.19 20.25
CA GLY A 233 -0.77 -0.18 21.49
C GLY A 233 -2.11 -0.83 21.25
N ALA A 234 -2.69 -0.56 20.08
CA ALA A 234 -3.95 -1.19 19.65
C ALA A 234 -3.74 -2.49 18.86
N GLY A 235 -2.49 -2.87 18.66
CA GLY A 235 -2.15 -4.15 18.07
C GLY A 235 -1.56 -4.12 16.67
N ALA A 236 -1.20 -2.94 16.17
CA ALA A 236 -0.63 -2.87 14.83
C ALA A 236 0.72 -3.60 14.78
N ASP A 237 0.91 -4.41 13.74
CA ASP A 237 2.19 -5.06 13.45
C ASP A 237 3.09 -4.15 12.64
N ALA A 238 2.47 -3.24 11.90
CA ALA A 238 3.16 -2.26 11.07
C ALA A 238 2.27 -1.04 10.91
N VAL A 239 2.92 0.06 10.57
CA VAL A 239 2.22 1.31 10.36
C VAL A 239 2.73 1.92 9.07
N LEU A 240 1.80 2.47 8.28
CA LEU A 240 2.11 2.99 6.95
C LEU A 240 1.92 4.50 6.96
N VAL A 241 2.95 5.20 6.51
CA VAL A 241 3.05 6.65 6.68
C VAL A 241 3.46 7.29 5.35
N GLY A 242 2.73 8.33 4.93
CA GLY A 242 3.02 9.04 3.68
C GLY A 242 3.30 10.52 3.90
N GLU A 243 2.26 11.29 4.16
CA GLU A 243 2.36 12.74 4.19
C GLU A 243 3.50 13.30 5.03
N GLY A 244 3.63 12.81 6.27
CA GLY A 244 4.66 13.31 7.18
C GLY A 244 6.08 13.03 6.70
N LEU A 245 6.23 12.01 5.88
CA LEU A 245 7.55 11.65 5.35
C LEU A 245 7.88 12.38 4.05
N VAL A 246 6.91 12.44 3.15
CA VAL A 246 7.14 13.05 1.83
C VAL A 246 7.36 14.56 1.93
N THR A 247 6.79 15.17 2.96
CA THR A 247 6.94 16.61 3.19
C THR A 247 8.14 16.95 4.08
N SER A 248 8.91 15.94 4.46
CA SER A 248 10.06 16.16 5.32
C SER A 248 11.26 16.64 4.53
N GLY A 249 12.03 17.52 5.16
CA GLY A 249 13.32 17.93 4.64
C GLY A 249 14.39 16.90 4.92
N ASP A 250 14.06 15.92 5.75
CA ASP A 250 15.00 14.89 6.17
C ASP A 250 14.26 13.56 6.33
N PRO A 251 13.80 12.98 5.20
CA PRO A 251 13.00 11.75 5.26
C PRO A 251 13.71 10.60 5.98
N ARG A 252 15.03 10.50 5.83
CA ARG A 252 15.80 9.48 6.54
C ARG A 252 15.62 9.58 8.05
N ALA A 253 15.85 10.77 8.58
CA ALA A 253 15.71 11.03 10.02
C ALA A 253 14.27 10.86 10.49
N ALA A 254 13.32 11.27 9.65
CA ALA A 254 11.90 11.15 9.99
C ALA A 254 11.48 9.68 10.09
N VAL A 255 11.95 8.88 9.16
CA VAL A 255 11.68 7.44 9.22
C VAL A 255 12.34 6.81 10.43
N ALA A 256 13.61 7.16 10.66
CA ALA A 256 14.35 6.58 11.78
C ALA A 256 13.68 6.89 13.11
N ASP A 257 13.09 8.09 13.22
CA ASP A 257 12.33 8.47 14.42
C ASP A 257 11.15 7.52 14.62
N LEU A 258 10.42 7.23 13.55
CA LEU A 258 9.28 6.31 13.65
C LEU A 258 9.71 4.87 13.90
N VAL A 259 10.78 4.46 13.23
CA VAL A 259 11.30 3.09 13.35
C VAL A 259 11.72 2.81 14.80
N THR A 260 12.31 3.82 15.44
CA THR A 260 12.78 3.65 16.80
C THR A 260 11.74 4.09 17.85
N ALA A 261 10.51 4.36 17.43
CA ALA A 261 9.46 4.86 18.33
C ALA A 261 9.28 3.91 19.47
N GLY A 262 9.23 4.46 20.69
CA GLY A 262 9.04 3.65 21.87
C GLY A 262 10.35 3.15 22.43
N THR A 263 11.47 3.65 21.89
CA THR A 263 12.79 3.37 22.44
C THR A 263 13.45 4.69 22.81
C1 IGP B . -0.59 7.26 3.89
P IGP B . -0.82 9.49 5.19
OP1 IGP B . 0.34 9.01 6.19
OP2 IGP B . -0.29 10.35 4.10
OP3 IGP B . -2.04 10.09 5.98
OP4 IGP B . -1.43 8.14 4.61
C2 IGP B . -1.41 6.14 3.18
O2 IGP B . -2.07 5.38 4.20
C3 IGP B . -2.43 6.75 2.19
O3 IGP B . -1.67 7.51 1.21
CG IGP B . -3.29 5.66 1.49
CD2 IGP B . -3.47 5.48 0.13
CE2 IGP B . -4.31 4.39 0.00
CE3 IGP B . -3.01 6.12 -1.03
CD1 IGP B . -4.01 4.73 2.13
NE1 IGP B . -4.64 3.97 1.22
CZ2 IGP B . -4.73 3.95 -1.25
CZ3 IGP B . -3.40 5.66 -2.28
CH2 IGP B . -4.27 4.58 -2.41
C BE2 C . -6.27 10.79 0.48
O BE2 C . -5.30 10.53 1.20
OXT BE2 C . -6.76 11.92 0.31
C1 BE2 C . -6.93 9.64 -0.28
CA BE2 C . -6.37 8.36 -0.32
C3 BE2 C . -7.04 7.37 -1.01
N BE2 C . -5.22 8.08 0.31
C4 BE2 C . -8.24 7.63 -1.66
C5 BE2 C . -8.79 8.90 -1.64
C6 BE2 C . -8.12 9.88 -0.94
#